data_5J45
#
_entry.id   5J45
#
_cell.length_a   29.767
_cell.length_b   29.767
_cell.length_c   174.311
_cell.angle_alpha   90.00
_cell.angle_beta   90.00
_cell.angle_gamma   90.00
#
_symmetry.space_group_name_H-M   'P 43'
#
_entity_poly.entity_id   1
_entity_poly.type   'polypeptide(L)'
_entity_poly.pdbx_seq_one_letter_code
;STGEAIQKLRETEN(MSE)LIKKQEFLEAKIEDELNIARKNASKNKRVALQALKKKKRLEKQLQQIDGTLSTIE(MSE)Q
REALESANTNTAVLTT(MSE)KNAADALKRAHQN(MSE)DVDKVHD(MSE)(MSE)DDIAEQQDVAREISD
;
_entity_poly.pdbx_strand_id   A
#
# COMPACT_ATOMS: atom_id res chain seq x y z
N THR A 2 -15.03 2.45 -4.16
CA THR A 2 -14.53 2.40 -5.52
C THR A 2 -13.00 2.39 -5.54
N GLY A 3 -12.43 2.79 -6.67
CA GLY A 3 -11.00 2.98 -6.77
C GLY A 3 -10.56 4.09 -5.83
N GLU A 4 -11.49 4.96 -5.46
CA GLU A 4 -11.21 5.99 -4.47
C GLU A 4 -10.61 5.43 -3.18
N ALA A 5 -10.87 4.15 -2.88
CA ALA A 5 -10.26 3.47 -1.74
C ALA A 5 -8.75 3.66 -1.70
N ILE A 6 -8.13 3.64 -2.87
CA ILE A 6 -6.71 3.90 -3.01
C ILE A 6 -6.37 5.32 -2.54
N GLN A 7 -7.33 6.24 -2.67
CA GLN A 7 -7.14 7.61 -2.21
C GLN A 7 -7.06 7.64 -0.67
N LYS A 8 -7.88 6.83 -0.02
CA LYS A 8 -7.89 6.77 1.44
C LYS A 8 -6.74 5.92 1.97
N LEU A 9 -6.20 5.04 1.12
CA LEU A 9 -5.03 4.26 1.50
C LEU A 9 -3.78 5.13 1.50
N ARG A 10 -3.58 5.91 0.45
CA ARG A 10 -2.72 7.07 0.55
C ARG A 10 -3.40 8.03 1.52
N GLU A 11 -2.71 9.10 1.91
CA GLU A 11 -3.25 10.03 2.91
C GLU A 11 -3.24 9.36 4.29
N THR A 12 -3.76 8.14 4.38
CA THR A 12 -3.57 7.28 5.55
C THR A 12 -2.10 6.91 5.67
N GLU A 13 -1.59 6.30 4.60
CA GLU A 13 -0.17 5.96 4.50
C GLU A 13 0.69 7.23 4.69
N ASN A 14 0.24 8.33 4.08
CA ASN A 14 0.98 9.59 4.10
C ASN A 14 1.00 10.19 5.51
N MSE A 15 -0.09 10.01 6.25
CA MSE A 15 -0.17 10.47 7.63
C MSE A 15 0.73 9.61 8.50
O MSE A 15 1.33 10.07 9.47
CB MSE A 15 -1.61 10.44 8.14
CG MSE A 15 -1.78 10.27 9.67
SE MSE A 15 -1.73 8.40 10.27
CE MSE A 15 -2.48 8.61 12.07
H MSE A 15 -0.82 9.64 5.96
HA MSE A 15 0.14 11.39 7.68
HB2 MSE A 15 -2.04 11.28 7.89
HB3 MSE A 15 -2.08 9.71 7.71
HG2 MSE A 15 -1.06 10.75 10.11
HG3 MSE A 15 -2.62 10.65 9.93
HE1 MSE A 15 -2.53 7.73 12.49
HE2 MSE A 15 -1.92 9.20 12.58
HE3 MSE A 15 -3.38 8.98 11.99
N LEU A 16 0.81 8.33 8.14
CA LEU A 16 1.56 7.35 8.91
C LEU A 16 3.06 7.62 8.82
N ILE A 17 3.49 8.28 7.74
CA ILE A 17 4.89 8.63 7.57
C ILE A 17 5.27 9.81 8.45
N LYS A 18 4.31 10.69 8.71
CA LYS A 18 4.53 11.80 9.64
C LYS A 18 4.75 11.27 11.05
N LYS A 19 3.93 10.30 11.45
CA LYS A 19 4.11 9.61 12.73
C LYS A 19 5.49 8.98 12.77
N GLN A 20 5.87 8.38 11.65
CA GLN A 20 7.15 7.71 11.51
C GLN A 20 8.30 8.72 11.62
N GLU A 21 8.11 9.89 11.02
CA GLU A 21 9.12 10.95 11.08
C GLU A 21 9.10 11.66 12.44
N PHE A 22 7.94 11.62 13.10
CA PHE A 22 7.79 12.20 14.43
C PHE A 22 8.56 11.39 15.48
N LEU A 23 8.51 10.06 15.35
CA LEU A 23 9.22 9.19 16.28
C LEU A 23 10.74 9.26 16.08
N GLU A 24 11.16 9.20 14.81
CA GLU A 24 12.58 9.34 14.49
C GLU A 24 13.11 10.64 15.08
N ALA A 25 12.28 11.66 15.09
CA ALA A 25 12.65 12.96 15.63
C ALA A 25 12.84 12.86 17.13
N LYS A 26 11.86 12.28 17.82
CA LYS A 26 11.91 12.19 19.27
C LYS A 26 12.96 11.19 19.74
N ILE A 27 13.35 10.26 18.86
CA ILE A 27 14.36 9.28 19.22
C ILE A 27 15.74 9.93 19.34
N GLU A 28 16.16 10.65 18.30
CA GLU A 28 17.42 11.39 18.36
C GLU A 28 17.37 12.47 19.43
N ASP A 29 16.18 12.99 19.71
CA ASP A 29 16.01 13.96 20.78
C ASP A 29 16.39 13.33 22.11
N GLU A 30 15.76 12.21 22.45
CA GLU A 30 16.07 11.49 23.68
C GLU A 30 17.55 11.09 23.69
N LEU A 31 18.07 10.72 22.53
CA LEU A 31 19.46 10.30 22.43
C LEU A 31 20.42 11.43 22.80
N ASN A 32 20.15 12.62 22.30
CA ASN A 32 21.02 13.77 22.58
C ASN A 32 20.92 14.20 24.04
N ILE A 33 19.77 13.96 24.66
CA ILE A 33 19.62 14.21 26.09
C ILE A 33 20.54 13.28 26.86
N ALA A 34 20.53 12.01 26.49
CA ALA A 34 21.39 11.01 27.13
C ALA A 34 22.86 11.38 26.97
N ARG A 35 23.23 11.84 25.77
CA ARG A 35 24.62 12.20 25.49
C ARG A 35 25.12 13.27 26.45
N LYS A 36 24.32 14.32 26.63
CA LYS A 36 24.72 15.47 27.43
C LYS A 36 24.60 15.21 28.93
N ASN A 37 24.04 14.06 29.29
CA ASN A 37 23.88 13.71 30.69
C ASN A 37 24.50 12.34 31.00
N ALA A 38 25.22 11.79 30.03
CA ALA A 38 25.74 10.43 30.15
C ALA A 38 26.65 10.27 31.36
N SER A 39 27.51 11.26 31.60
CA SER A 39 28.49 11.17 32.67
C SER A 39 28.15 12.11 33.83
N LYS A 40 27.56 13.25 33.51
CA LYS A 40 27.22 14.25 34.52
C LYS A 40 26.00 13.81 35.34
N ASN A 41 25.04 13.18 34.69
CA ASN A 41 23.76 12.87 35.33
C ASN A 41 23.18 11.54 34.87
N LYS A 42 23.56 10.46 35.55
CA LYS A 42 23.13 9.11 35.18
C LYS A 42 21.61 8.97 35.17
N ARG A 43 20.95 9.59 36.15
CA ARG A 43 19.50 9.48 36.30
C ARG A 43 18.76 9.97 35.06
N VAL A 44 19.04 11.20 34.65
CA VAL A 44 18.41 11.79 33.48
C VAL A 44 18.79 11.01 32.22
N ALA A 45 20.05 10.61 32.13
CA ALA A 45 20.53 9.85 30.99
C ALA A 45 19.77 8.53 30.83
N LEU A 46 19.46 7.89 31.96
CA LEU A 46 18.79 6.59 31.94
C LEU A 46 17.31 6.74 31.61
N GLN A 47 16.72 7.85 32.02
CA GLN A 47 15.32 8.13 31.68
C GLN A 47 15.20 8.37 30.18
N ALA A 48 16.24 8.93 29.58
CA ALA A 48 16.25 9.17 28.14
C ALA A 48 16.29 7.85 27.38
N LEU A 49 17.28 7.02 27.69
CA LEU A 49 17.44 5.73 27.02
C LEU A 49 16.21 4.85 27.25
N LYS A 50 15.49 5.11 28.33
CA LYS A 50 14.29 4.36 28.65
C LYS A 50 13.11 4.84 27.80
N LYS A 51 13.08 6.13 27.52
CA LYS A 51 12.07 6.70 26.64
C LYS A 51 12.39 6.34 25.19
N LYS A 52 13.67 6.37 24.85
CA LYS A 52 14.14 6.05 23.51
C LYS A 52 13.79 4.62 23.11
N LYS A 53 14.04 3.68 24.01
CA LYS A 53 13.82 2.26 23.73
C LYS A 53 12.34 1.97 23.47
N ARG A 54 11.47 2.75 24.09
CA ARG A 54 10.03 2.57 23.92
C ARG A 54 9.54 3.23 22.64
N LEU A 55 10.15 4.36 22.28
CA LEU A 55 9.84 5.04 21.03
C LEU A 55 10.19 4.16 19.84
N GLU A 56 11.37 3.55 19.90
CA GLU A 56 11.83 2.65 18.86
C GLU A 56 10.83 1.51 18.65
N LYS A 57 10.22 1.03 19.73
CA LYS A 57 9.24 -0.03 19.64
C LYS A 57 8.00 0.46 18.91
N GLN A 58 7.62 1.71 19.15
CA GLN A 58 6.47 2.30 18.48
C GLN A 58 6.75 2.49 17.00
N LEU A 59 8.04 2.58 16.66
CA LEU A 59 8.47 2.82 15.29
C LEU A 59 8.42 1.55 14.47
N GLN A 60 8.77 0.43 15.09
CA GLN A 60 8.72 -0.86 14.40
C GLN A 60 7.30 -1.18 13.95
N GLN A 61 6.35 -1.06 14.88
CA GLN A 61 4.98 -1.45 14.59
C GLN A 61 4.25 -0.40 13.74
N ILE A 62 4.88 0.76 13.55
CA ILE A 62 4.38 1.71 12.57
C ILE A 62 4.97 1.34 11.21
N ASP A 63 6.20 0.86 11.21
CA ASP A 63 6.84 0.37 9.99
C ASP A 63 6.06 -0.83 9.45
N GLY A 64 5.88 -1.83 10.30
CA GLY A 64 5.15 -3.03 9.91
C GLY A 64 3.75 -2.72 9.41
N THR A 65 3.10 -1.77 10.07
CA THR A 65 1.76 -1.34 9.68
C THR A 65 1.78 -0.60 8.36
N LEU A 66 2.80 0.22 8.16
CA LEU A 66 2.93 1.01 6.94
C LEU A 66 3.06 0.11 5.71
N SER A 67 3.99 -0.85 5.78
CA SER A 67 4.18 -1.77 4.67
C SER A 67 2.91 -2.57 4.43
N THR A 68 2.18 -2.87 5.51
CA THR A 68 0.88 -3.54 5.39
C THR A 68 -0.10 -2.67 4.61
N ILE A 69 -0.07 -1.37 4.87
CA ILE A 69 -0.91 -0.42 4.14
C ILE A 69 -0.51 -0.35 2.68
N GLU A 70 0.79 -0.25 2.44
CA GLU A 70 1.34 -0.14 1.08
C GLU A 70 0.90 -1.30 0.20
N MSE A 71 0.96 -2.52 0.74
CA MSE A 71 0.66 -3.71 -0.04
C MSE A 71 -0.81 -3.79 -0.41
O MSE A 71 -1.17 -4.26 -1.49
CB MSE A 71 1.10 -4.96 0.73
CG MSE A 71 2.59 -5.04 0.95
SE MSE A 71 3.06 -6.58 2.03
CE MSE A 71 4.58 -5.82 2.99
H MSE A 71 1.19 -2.68 1.55
HA MSE A 71 1.19 -3.68 -0.86
HB2 MSE A 71 0.67 -4.95 1.59
HB3 MSE A 71 0.82 -5.74 0.23
HG2 MSE A 71 3.03 -5.13 0.09
HG3 MSE A 71 2.89 -4.25 1.41
HE1 MSE A 71 4.95 -6.49 3.59
HE2 MSE A 71 5.26 -5.54 2.34
HE3 MSE A 71 4.28 -5.04 3.49
N GLN A 72 -1.68 -3.33 0.48
CA GLN A 72 -3.11 -3.33 0.21
C GLN A 72 -3.45 -2.29 -0.86
N ARG A 73 -2.67 -1.22 -0.88
CA ARG A 73 -2.80 -0.20 -1.92
C ARG A 73 -2.35 -0.79 -3.26
N GLU A 74 -1.30 -1.60 -3.21
CA GLU A 74 -0.75 -2.23 -4.40
C GLU A 74 -1.57 -3.47 -4.82
N ALA A 75 -2.46 -3.90 -3.94
CA ALA A 75 -3.40 -4.97 -4.27
C ALA A 75 -4.64 -4.38 -4.94
N LEU A 76 -5.01 -3.19 -4.51
CA LEU A 76 -6.11 -2.46 -5.13
C LEU A 76 -5.74 -2.04 -6.55
N GLU A 77 -4.50 -1.57 -6.70
CA GLU A 77 -3.98 -1.13 -7.98
C GLU A 77 -4.01 -2.28 -8.98
N SER A 78 -3.61 -3.46 -8.52
CA SER A 78 -3.63 -4.65 -9.35
C SER A 78 -5.06 -4.93 -9.78
N ALA A 79 -5.95 -5.15 -8.81
CA ALA A 79 -7.34 -5.47 -9.10
C ALA A 79 -8.03 -4.37 -9.91
N ASN A 80 -7.51 -3.14 -9.82
CA ASN A 80 -8.10 -2.01 -10.53
C ASN A 80 -7.81 -2.08 -12.02
N THR A 81 -6.61 -2.54 -12.37
CA THR A 81 -6.24 -2.68 -13.78
C THR A 81 -6.90 -3.90 -14.40
N ASN A 82 -6.95 -5.01 -13.65
CA ASN A 82 -7.60 -6.21 -14.13
C ASN A 82 -9.06 -5.94 -14.47
N THR A 83 -9.69 -5.07 -13.69
CA THR A 83 -11.06 -4.66 -13.95
C THR A 83 -11.21 -4.15 -15.37
N ALA A 84 -10.20 -3.39 -15.83
CA ALA A 84 -10.20 -2.85 -17.18
C ALA A 84 -9.78 -3.92 -18.19
N VAL A 85 -8.68 -4.61 -17.88
CA VAL A 85 -8.15 -5.63 -18.75
C VAL A 85 -9.20 -6.70 -19.06
N LEU A 86 -9.85 -7.21 -18.02
CA LEU A 86 -10.77 -8.34 -18.16
C LEU A 86 -12.06 -7.97 -18.87
N THR A 87 -12.44 -6.70 -18.84
CA THR A 87 -13.66 -6.25 -19.53
C THR A 87 -13.41 -6.13 -21.02
N THR A 88 -12.24 -5.63 -21.39
CA THR A 88 -11.83 -5.55 -22.79
C THR A 88 -11.45 -6.94 -23.27
N MSE A 89 -10.91 -7.75 -22.36
CA MSE A 89 -10.53 -9.12 -22.68
C MSE A 89 -11.74 -9.92 -23.14
O MSE A 89 -11.67 -10.65 -24.14
CB MSE A 89 -9.88 -9.81 -21.49
CG MSE A 89 -9.16 -11.09 -21.84
SE MSE A 89 -7.55 -10.74 -22.88
CE MSE A 89 -6.50 -9.90 -21.47
H MSE A 89 -10.76 -7.54 -21.54
HA MSE A 89 -9.87 -9.10 -23.41
HB2 MSE A 89 -9.23 -9.20 -21.10
HB3 MSE A 89 -10.56 -10.02 -20.84
HG2 MSE A 89 -8.91 -11.55 -21.03
HG3 MSE A 89 -9.75 -11.65 -22.38
HE1 MSE A 89 -5.63 -9.65 -21.83
HE2 MSE A 89 -6.97 -9.10 -21.16
HE3 MSE A 89 -6.39 -10.53 -20.74
N LYS A 90 -12.85 -9.78 -22.42
CA LYS A 90 -14.08 -10.48 -22.77
C LYS A 90 -14.81 -9.79 -23.92
N ASN A 91 -14.79 -8.47 -23.92
CA ASN A 91 -15.37 -7.69 -25.02
C ASN A 91 -14.80 -8.19 -26.35
N ALA A 92 -13.49 -8.47 -26.35
CA ALA A 92 -12.82 -9.00 -27.52
C ALA A 92 -13.38 -10.38 -27.87
N ALA A 93 -13.41 -11.26 -26.88
CA ALA A 93 -13.87 -12.64 -27.09
C ALA A 93 -15.34 -12.66 -27.52
N ASP A 94 -16.07 -11.61 -27.15
CA ASP A 94 -17.45 -11.46 -27.61
C ASP A 94 -17.45 -11.13 -29.09
N ALA A 95 -16.67 -10.12 -29.47
CA ALA A 95 -16.55 -9.72 -30.87
C ALA A 95 -16.06 -10.90 -31.70
N LEU A 96 -15.03 -11.59 -31.21
CA LEU A 96 -14.47 -12.73 -31.92
C LEU A 96 -15.54 -13.81 -32.12
N LYS A 97 -16.42 -13.97 -31.13
CA LYS A 97 -17.45 -14.99 -31.21
C LYS A 97 -18.51 -14.62 -32.25
N ARG A 98 -18.69 -13.32 -32.46
CA ARG A 98 -19.60 -12.85 -33.50
C ARG A 98 -19.05 -13.21 -34.87
N ALA A 99 -17.74 -13.02 -35.04
CA ALA A 99 -17.07 -13.40 -36.27
C ALA A 99 -17.30 -14.88 -36.54
N HIS A 100 -16.96 -15.72 -35.57
CA HIS A 100 -17.12 -17.16 -35.75
C HIS A 100 -18.58 -17.54 -35.91
N GLN A 101 -19.48 -16.76 -35.33
CA GLN A 101 -20.90 -17.03 -35.47
C GLN A 101 -21.38 -16.72 -36.89
N ASN A 102 -21.10 -15.51 -37.35
CA ASN A 102 -21.47 -15.10 -38.71
C ASN A 102 -20.99 -16.11 -39.74
N MSE A 103 -19.75 -16.57 -39.60
CA MSE A 103 -19.20 -17.60 -40.47
C MSE A 103 -20.11 -18.82 -40.53
O MSE A 103 -20.39 -19.34 -41.60
CB MSE A 103 -17.80 -18.01 -40.00
CG MSE A 103 -16.67 -17.22 -40.63
SE MSE A 103 -15.00 -17.41 -39.64
CE MSE A 103 -15.14 -19.29 -39.13
H MSE A 103 -19.21 -16.30 -38.99
HA MSE A 103 -19.11 -17.23 -41.37
HB2 MSE A 103 -17.76 -17.88 -39.04
HB3 MSE A 103 -17.67 -18.94 -40.22
HG2 MSE A 103 -16.53 -17.54 -41.53
HG3 MSE A 103 -16.91 -16.28 -40.65
HE1 MSE A 103 -14.36 -19.54 -38.61
HE2 MSE A 103 -15.95 -19.41 -38.59
HE3 MSE A 103 -15.20 -19.83 -39.92
N ASP A 104 -20.56 -19.27 -39.36
CA ASP A 104 -21.38 -20.47 -39.27
C ASP A 104 -22.77 -20.26 -39.86
N VAL A 105 -23.21 -19.01 -39.91
CA VAL A 105 -24.53 -18.70 -40.44
C VAL A 105 -24.46 -18.62 -41.97
N ASP A 106 -23.30 -18.24 -42.49
CA ASP A 106 -23.10 -18.20 -43.93
C ASP A 106 -23.14 -19.61 -44.51
N LYS A 107 -22.62 -20.58 -43.76
CA LYS A 107 -22.60 -21.96 -44.21
C LYS A 107 -24.02 -22.55 -44.26
N VAL A 108 -24.81 -22.24 -43.23
CA VAL A 108 -26.18 -22.73 -43.14
C VAL A 108 -27.03 -22.05 -44.20
N HIS A 109 -26.66 -20.82 -44.55
CA HIS A 109 -27.34 -20.07 -45.58
C HIS A 109 -27.16 -20.73 -46.96
N ASP A 110 -26.06 -21.47 -47.11
CA ASP A 110 -25.80 -22.19 -48.35
C ASP A 110 -26.70 -23.42 -48.48
N MSE A 111 -27.16 -23.93 -47.34
CA MSE A 111 -28.04 -25.09 -47.32
C MSE A 111 -29.43 -24.77 -47.83
O MSE A 111 -30.27 -25.65 -47.99
CB MSE A 111 -28.13 -25.67 -45.91
CG MSE A 111 -26.80 -26.00 -45.29
SE MSE A 111 -27.03 -27.10 -43.69
CE MSE A 111 -27.44 -28.81 -44.55
H MSE A 111 -26.97 -23.61 -46.56
HA MSE A 111 -27.65 -25.78 -47.89
HB2 MSE A 111 -28.58 -25.02 -45.34
HB3 MSE A 111 -28.65 -26.49 -45.95
HG2 MSE A 111 -26.26 -26.49 -45.92
HG3 MSE A 111 -26.35 -25.18 -45.03
HE1 MSE A 111 -27.58 -29.48 -43.87
HE2 MSE A 111 -28.24 -28.70 -45.09
HE3 MSE A 111 -26.69 -29.06 -45.12
N MSE A 112 -29.69 -23.48 -48.09
CA MSE A 112 -31.01 -23.05 -48.55
C MSE A 112 -31.23 -23.37 -50.02
O MSE A 112 -32.24 -22.94 -50.61
CB MSE A 112 -31.18 -21.55 -48.29
CG MSE A 112 -31.00 -21.15 -46.83
SE MSE A 112 -32.39 -19.93 -46.20
CE MSE A 112 -32.24 -18.56 -47.58
H MSE A 112 -29.12 -22.85 -48.01
HA MSE A 112 -31.68 -23.51 -48.02
HB2 MSE A 112 -30.52 -21.07 -48.81
HB3 MSE A 112 -32.07 -21.29 -48.57
HG2 MSE A 112 -31.03 -21.95 -46.28
HG3 MSE A 112 -30.15 -20.71 -46.73
HE1 MSE A 112 -32.89 -17.86 -47.41
HE2 MSE A 112 -31.35 -18.19 -47.57
HE3 MSE A 112 -32.42 -18.96 -48.45
N ASP A 113 -30.31 -24.11 -50.63
CA ASP A 113 -30.46 -24.58 -51.99
C ASP A 113 -30.67 -26.09 -52.03
#